data_8RBD
#
_entry.id   8RBD
#
_cell.length_a   41.230
_cell.length_b   74.136
_cell.length_c   96.774
_cell.angle_alpha   90.000
_cell.angle_beta   90.430
_cell.angle_gamma   90.000
#
_symmetry.space_group_name_H-M   'P 1 21 1'
#
loop_
_entity.id
_entity.type
_entity.pdbx_description
1 polymer 'Mycolic acid methyltransferase MmaA1'
2 non-polymer SINEFUNGIN
3 non-polymer 1,2-ETHANEDIOL
4 non-polymer 'SULFATE ION'
5 water water
#
_entity_poly.entity_id   1
_entity_poly.type   'polypeptide(L)'
_entity_poly.pdbx_seq_one_letter_code
;HMAKLRPYYEESQSAYDISDDFFALFLDPTWVYTCAYFERDDMTLEEAQLAKVDLALDKLNLEPGMTLLDVGCGWGGALV
RAVEKYDVNVIGLTLSRNHYERSKDRLAAIGTQRRAEARLQGWEEFEENVDRIVSFEAFDAFKKERYLTFFERSYDILPD
DGRMLLHSLFTYDRRWLHEQGIALTMSDLRFLKFLRESIFPGGELPSEPDIVDNAQAAGFTIEHVQLLQQHYARTLDAWA
ANLQAARERAIAVQSEEVYNNFMHYLTG(CSO)AERFRRGLINVAQFTMTK
;
_entity_poly.pdbx_strand_id   A,A0A0
#
loop_
_chem_comp.id
_chem_comp.type
_chem_comp.name
_chem_comp.formula
EDO non-polymer 1,2-ETHANEDIOL 'C2 H6 O2'
SFG non-polymer SINEFUNGIN 'C15 H23 N7 O5'
SO4 non-polymer 'SULFATE ION' 'O4 S -2'
#
# COMPACT_ATOMS: atom_id res chain seq x y z
N ASP A 17 16.30 -4.69 12.48
CA ASP A 17 16.20 -5.92 11.71
C ASP A 17 16.16 -5.61 10.21
N ILE A 18 15.91 -4.34 9.86
CA ILE A 18 15.89 -3.93 8.46
C ILE A 18 17.29 -3.45 8.09
N SER A 19 17.83 -3.97 6.99
CA SER A 19 19.19 -3.68 6.60
C SER A 19 19.30 -2.27 6.07
N ASP A 20 20.45 -1.62 6.33
CA ASP A 20 20.75 -0.33 5.71
C ASP A 20 20.54 -0.41 4.21
N ASP A 21 20.82 -1.58 3.61
CA ASP A 21 20.71 -1.74 2.17
C ASP A 21 19.28 -1.53 1.68
N PHE A 22 18.30 -1.78 2.54
CA PHE A 22 16.91 -1.53 2.18
C PHE A 22 16.63 -0.04 2.22
N PHE A 23 17.03 0.62 3.29
CA PHE A 23 16.79 2.04 3.41
C PHE A 23 17.50 2.80 2.31
N ALA A 24 18.71 2.34 1.92
CA ALA A 24 19.46 3.00 0.88
C ALA A 24 18.69 3.06 -0.43
N LEU A 25 17.69 2.19 -0.60
CA LEU A 25 16.97 2.19 -1.85
C LEU A 25 15.98 3.35 -1.97
N PHE A 26 15.60 3.99 -0.88
CA PHE A 26 14.61 5.06 -0.93
C PHE A 26 15.05 6.34 -0.29
N LEU A 27 16.09 6.34 0.54
CA LEU A 27 16.57 7.59 1.09
C LEU A 27 17.56 8.25 0.14
N ASP A 28 17.78 9.54 0.38
CA ASP A 28 18.76 10.29 -0.38
C ASP A 28 20.14 10.08 0.23
N PRO A 29 21.18 10.64 -0.41
CA PRO A 29 22.55 10.38 0.07
C PRO A 29 22.86 10.86 1.46
N THR A 30 22.06 11.74 2.04
CA THR A 30 22.33 12.16 3.41
C THR A 30 21.92 11.10 4.43
N TRP A 31 21.16 10.11 3.99
CA TRP A 31 20.56 9.11 4.88
C TRP A 31 19.58 9.71 5.88
N VAL A 32 19.18 10.96 5.72
CA VAL A 32 18.23 11.57 6.63
C VAL A 32 16.87 10.89 6.47
N TYR A 33 16.27 10.49 7.59
CA TYR A 33 15.04 9.70 7.60
C TYR A 33 13.97 10.39 8.43
N THR A 34 13.89 11.71 8.28
CA THR A 34 12.91 12.55 8.95
C THR A 34 12.41 13.60 7.96
N CYS A 35 11.38 14.31 8.38
CA CYS A 35 10.71 15.28 7.52
C CYS A 35 11.69 16.24 6.86
N ALA A 36 11.65 16.33 5.53
CA ALA A 36 12.49 17.28 4.82
C ALA A 36 11.84 18.65 4.81
N TYR A 37 12.54 19.62 4.22
CA TYR A 37 12.04 20.99 4.14
C TYR A 37 12.24 21.53 2.73
N PHE A 38 11.16 21.58 1.95
CA PHE A 38 11.23 22.02 0.57
C PHE A 38 11.17 23.55 0.57
N GLU A 39 12.31 24.13 0.96
CA GLU A 39 12.42 25.58 1.08
C GLU A 39 12.17 26.26 -0.25
N ARG A 40 12.66 25.65 -1.33
CA ARG A 40 12.23 25.98 -2.69
C ARG A 40 11.46 24.80 -3.23
N ASP A 41 10.43 25.07 -4.05
CA ASP A 41 9.54 24.02 -4.50
C ASP A 41 10.24 23.00 -5.38
N ASP A 42 11.27 23.42 -6.12
CA ASP A 42 11.95 22.52 -7.05
C ASP A 42 13.14 21.82 -6.43
N MET A 43 13.27 21.83 -5.10
CA MET A 43 14.40 21.15 -4.49
C MET A 43 14.27 19.64 -4.70
N THR A 44 15.42 18.98 -4.87
CA THR A 44 15.46 17.54 -4.80
C THR A 44 15.32 17.08 -3.35
N LEU A 45 15.09 15.78 -3.18
CA LEU A 45 15.01 15.26 -1.81
C LEU A 45 16.25 15.59 -1.00
N GLU A 46 17.43 15.38 -1.59
CA GLU A 46 18.67 15.66 -0.88
C GLU A 46 18.77 17.13 -0.49
N GLU A 47 18.45 18.02 -1.44
CA GLU A 47 18.49 19.45 -1.15
C GLU A 47 17.51 19.81 -0.04
N ALA A 48 16.34 19.17 -0.03
CA ALA A 48 15.35 19.47 0.97
C ALA A 48 15.72 18.91 2.34
N GLN A 49 16.48 17.81 2.37
CA GLN A 49 16.94 17.31 3.67
C GLN A 49 18.01 18.22 4.24
N LEU A 50 18.97 18.61 3.41
CA LEU A 50 19.97 19.58 3.85
C LEU A 50 19.30 20.89 4.26
N ALA A 51 18.25 21.30 3.55
CA ALA A 51 17.55 22.53 3.92
C ALA A 51 16.88 22.40 5.27
N LYS A 52 16.36 21.21 5.59
CA LYS A 52 15.76 21.00 6.89
C LYS A 52 16.82 21.04 7.98
N VAL A 53 17.97 20.39 7.75
CA VAL A 53 19.05 20.44 8.74
C VAL A 53 19.50 21.87 8.94
N ASP A 54 19.73 22.59 7.82
CA ASP A 54 20.17 23.99 7.92
C ASP A 54 19.13 24.87 8.59
N LEU A 55 17.85 24.65 8.30
CA LEU A 55 16.78 25.39 8.95
C LEU A 55 16.89 25.27 10.44
N ALA A 56 17.13 24.07 10.94
CA ALA A 56 17.29 23.87 12.37
C ALA A 56 18.59 24.46 12.89
N LEU A 57 19.72 24.13 12.23
CA LEU A 57 21.01 24.57 12.76
C LEU A 57 21.15 26.09 12.72
N ASP A 58 20.57 26.76 11.73
CA ASP A 58 20.59 28.23 11.72
C ASP A 58 19.94 28.83 12.96
N LYS A 59 18.94 28.16 13.53
CA LYS A 59 18.25 28.65 14.72
C LYS A 59 19.10 28.52 15.97
N LEU A 60 20.20 27.80 15.90
CA LEU A 60 21.07 27.60 17.04
C LEU A 60 22.19 28.63 17.14
N ASN A 61 22.37 29.48 16.12
CA ASN A 61 23.40 30.53 16.13
C ASN A 61 24.76 29.92 16.45
N LEU A 62 25.13 28.93 15.64
CA LEU A 62 26.38 28.22 15.81
C LEU A 62 27.54 29.08 15.34
N GLU A 63 28.55 29.16 16.14
CA GLU A 63 29.83 29.73 15.73
C GLU A 63 30.85 28.61 15.56
N PRO A 64 31.78 28.74 14.60
CA PRO A 64 32.80 27.71 14.44
C PRO A 64 33.46 27.37 15.77
N GLY A 65 33.65 26.07 16.02
CA GLY A 65 34.28 25.63 17.24
C GLY A 65 33.34 25.37 18.39
N MET A 66 32.06 25.74 18.27
CA MET A 66 31.13 25.31 19.30
C MET A 66 30.98 23.81 19.27
N THR A 67 30.36 23.27 20.32
CA THR A 67 30.07 21.85 20.39
C THR A 67 28.56 21.64 20.31
N LEU A 68 28.13 20.87 19.33
CA LEU A 68 26.74 20.57 19.08
C LEU A 68 26.49 19.11 19.40
N LEU A 69 25.44 18.85 20.17
CA LEU A 69 24.94 17.51 20.43
C LEU A 69 23.73 17.26 19.53
N ASP A 70 23.72 16.11 18.84
CA ASP A 70 22.56 15.62 18.10
C ASP A 70 22.02 14.42 18.86
N VAL A 71 20.86 14.61 19.51
CA VAL A 71 20.26 13.51 20.27
C VAL A 71 19.42 12.65 19.33
N GLY A 72 19.85 11.41 19.13
CA GLY A 72 19.15 10.48 18.27
C GLY A 72 19.56 10.67 16.84
N CYS A 73 20.83 10.42 16.53
CA CYS A 73 21.45 11.02 15.35
C CYS A 73 21.24 10.21 14.10
N GLY A 74 20.59 9.07 14.21
CA GLY A 74 20.37 8.26 12.99
C GLY A 74 21.68 7.91 12.30
N TRP A 75 21.65 7.87 10.96
CA TRP A 75 22.83 7.54 10.19
C TRP A 75 23.77 8.76 9.97
N GLY A 76 23.62 9.84 10.73
CA GLY A 76 24.66 10.84 10.85
C GLY A 76 24.60 12.02 9.93
N GLY A 77 23.53 12.17 9.16
CA GLY A 77 23.53 13.19 8.14
C GLY A 77 23.60 14.60 8.71
N ALA A 78 22.85 14.86 9.78
CA ALA A 78 22.90 16.20 10.37
C ALA A 78 24.25 16.48 11.01
N LEU A 79 24.87 15.45 11.59
CA LEU A 79 26.20 15.63 12.18
C LEU A 79 27.22 16.00 11.11
N VAL A 80 27.17 15.29 9.98
CA VAL A 80 28.07 15.58 8.86
C VAL A 80 27.85 16.99 8.34
N ARG A 81 26.59 17.37 8.15
CA ARG A 81 26.27 18.71 7.67
C ARG A 81 26.75 19.78 8.66
N ALA A 82 26.56 19.53 9.95
CA ALA A 82 27.02 20.48 10.97
C ALA A 82 28.51 20.72 10.85
N VAL A 83 29.30 19.64 10.73
CA VAL A 83 30.74 19.81 10.59
C VAL A 83 31.07 20.56 9.31
N GLU A 84 30.51 20.12 8.19
CA GLU A 84 30.90 20.64 6.89
C GLU A 84 30.51 22.10 6.71
N LYS A 85 29.28 22.47 7.04
CA LYS A 85 28.80 23.80 6.78
C LYS A 85 29.04 24.75 7.94
N TYR A 86 28.90 24.25 9.17
CA TYR A 86 28.97 25.11 10.35
C TYR A 86 30.27 25.01 11.12
N ASP A 87 31.15 24.07 10.76
CA ASP A 87 32.48 23.97 11.34
C ASP A 87 32.43 23.91 12.87
N VAL A 88 31.54 23.05 13.36
CA VAL A 88 31.40 22.83 14.79
C VAL A 88 31.92 21.45 15.14
N ASN A 89 32.35 21.33 16.39
CA ASN A 89 32.55 20.02 17.00
C ASN A 89 31.19 19.37 17.24
N VAL A 90 31.14 18.04 17.09
CA VAL A 90 29.85 17.37 17.16
C VAL A 90 29.93 16.09 17.97
N ILE A 91 28.84 15.79 18.68
CA ILE A 91 28.60 14.55 19.39
C ILE A 91 27.21 14.08 19.01
N GLY A 92 27.11 12.87 18.48
CA GLY A 92 25.84 12.24 18.13
C GLY A 92 25.59 11.06 19.05
N LEU A 93 24.36 10.95 19.55
CA LEU A 93 23.95 9.84 20.39
C LEU A 93 22.89 9.06 19.64
N THR A 94 22.97 7.74 19.75
CA THR A 94 21.96 6.85 19.18
C THR A 94 21.94 5.57 19.99
N LEU A 95 20.80 4.88 19.95
CA LEU A 95 20.68 3.56 20.55
C LEU A 95 20.72 2.43 19.51
N SER A 96 20.81 2.78 18.23
CA SER A 96 20.85 1.80 17.16
C SER A 96 22.28 1.56 16.72
N ARG A 97 22.67 0.28 16.72
CA ARG A 97 24.02 -0.07 16.27
C ARG A 97 24.22 0.35 14.82
N ASN A 98 23.23 0.11 13.96
CA ASN A 98 23.44 0.44 12.56
C ASN A 98 23.59 1.94 12.36
N HIS A 99 22.79 2.71 13.09
CA HIS A 99 22.91 4.17 13.06
C HIS A 99 24.30 4.60 13.55
N TYR A 100 24.72 4.06 14.68
CA TYR A 100 26.03 4.37 15.23
C TYR A 100 27.14 4.07 14.23
N GLU A 101 27.09 2.87 13.60
CA GLU A 101 28.22 2.47 12.76
C GLU A 101 28.34 3.38 11.57
N ARG A 102 27.23 3.71 10.92
CA ARG A 102 27.31 4.58 9.76
C ARG A 102 27.72 5.98 10.16
N SER A 103 27.15 6.49 11.26
CA SER A 103 27.56 7.81 11.76
C SER A 103 29.04 7.84 12.07
N LYS A 104 29.53 6.83 12.78
CA LYS A 104 30.96 6.72 13.08
C LYS A 104 31.79 6.80 11.81
N ASP A 105 31.47 5.94 10.82
CA ASP A 105 32.27 5.91 9.61
C ASP A 105 32.20 7.24 8.86
N ARG A 106 30.99 7.79 8.72
CA ARG A 106 30.85 9.03 7.96
C ARG A 106 31.63 10.17 8.63
N LEU A 107 31.55 10.26 9.95
CA LEU A 107 32.26 11.33 10.65
C LEU A 107 33.76 11.15 10.55
N ALA A 108 34.26 9.91 10.65
CA ALA A 108 35.68 9.68 10.51
C ALA A 108 36.18 10.07 9.13
N ALA A 109 35.32 9.96 8.13
CA ALA A 109 35.72 10.24 6.77
C ALA A 109 35.70 11.73 6.44
N ILE A 110 35.09 12.56 7.29
CA ILE A 110 35.15 13.99 7.09
C ILE A 110 36.57 14.46 7.39
N GLY A 111 37.12 15.28 6.52
CA GLY A 111 38.35 15.96 6.81
C GLY A 111 38.06 17.18 7.67
N THR A 112 38.34 17.10 8.96
CA THR A 112 38.14 18.25 9.83
C THR A 112 39.13 18.17 10.98
N GLN A 113 39.57 19.34 11.45
CA GLN A 113 40.32 19.41 12.70
C GLN A 113 39.43 19.41 13.92
N ARG A 114 38.11 19.48 13.74
CA ARG A 114 37.19 19.47 14.86
C ARG A 114 37.03 18.06 15.40
N ARG A 115 36.47 17.98 16.61
CA ARG A 115 36.12 16.69 17.19
C ARG A 115 34.75 16.28 16.70
N ALA A 116 34.65 15.05 16.20
CA ALA A 116 33.40 14.56 15.67
C ALA A 116 33.25 13.13 16.11
N GLU A 117 32.24 12.86 16.91
CA GLU A 117 32.08 11.54 17.46
C GLU A 117 30.63 11.11 17.42
N ALA A 118 30.43 9.84 17.11
CA ALA A 118 29.15 9.17 17.31
C ALA A 118 29.29 8.21 18.47
N ARG A 119 28.22 8.07 19.23
CA ARG A 119 28.20 7.21 20.38
C ARG A 119 26.94 6.37 20.44
N LEU A 120 27.11 5.10 20.80
CA LEU A 120 26.01 4.20 21.11
C LEU A 120 25.74 4.40 22.60
N GLN A 121 24.87 5.35 22.90
CA GLN A 121 24.64 5.85 24.25
C GLN A 121 23.32 6.62 24.24
N GLY A 122 22.53 6.44 25.27
CA GLY A 122 21.29 7.19 25.39
C GLY A 122 21.55 8.53 26.03
N TRP A 123 20.65 9.49 25.74
CA TRP A 123 20.79 10.80 26.36
C TRP A 123 20.72 10.70 27.88
N GLU A 124 20.03 9.69 28.40
CA GLU A 124 19.93 9.50 29.83
C GLU A 124 21.29 9.31 30.49
N GLU A 125 22.27 8.80 29.76
CA GLU A 125 23.60 8.55 30.27
C GLU A 125 24.58 9.65 29.92
N PHE A 126 24.16 10.64 29.14
CA PHE A 126 25.03 11.69 28.67
C PHE A 126 24.92 12.89 29.61
N GLU A 127 26.06 13.31 30.15
CA GLU A 127 26.08 14.38 31.13
C GLU A 127 27.13 15.44 30.84
N GLU A 128 27.71 15.45 29.65
CA GLU A 128 28.75 16.40 29.32
C GLU A 128 28.16 17.72 28.86
N ASN A 129 28.86 18.80 29.18
CA ASN A 129 28.44 20.12 28.74
C ASN A 129 28.62 20.25 27.23
N VAL A 130 27.63 20.85 26.59
CA VAL A 130 27.66 21.14 25.16
C VAL A 130 27.07 22.54 24.98
N ASP A 131 27.40 23.16 23.84
CA ASP A 131 26.95 24.53 23.64
C ASP A 131 25.51 24.59 23.11
N ARG A 132 25.12 23.63 22.27
CA ARG A 132 23.82 23.63 21.61
C ARG A 132 23.40 22.20 21.42
N ILE A 133 22.08 21.99 21.33
CA ILE A 133 21.48 20.68 21.14
C ILE A 133 20.53 20.77 19.96
N VAL A 134 20.56 19.75 19.11
CA VAL A 134 19.57 19.50 18.08
C VAL A 134 19.07 18.06 18.19
N SER A 135 17.81 17.86 17.76
CA SER A 135 17.25 16.51 17.72
C SER A 135 16.13 16.47 16.71
N PHE A 136 16.19 15.49 15.81
CA PHE A 136 15.19 15.35 14.75
C PHE A 136 14.46 14.03 14.89
N GLU A 137 13.20 14.10 15.34
CA GLU A 137 12.30 12.92 15.46
C GLU A 137 12.93 11.77 16.25
N ALA A 138 13.54 12.12 17.37
CA ALA A 138 13.89 11.18 18.41
C ALA A 138 12.95 11.23 19.60
N PHE A 139 12.41 12.40 19.91
CA PHE A 139 11.64 12.61 21.13
C PHE A 139 10.43 11.69 21.19
N ASP A 140 9.82 11.35 20.05
CA ASP A 140 8.71 10.41 20.08
C ASP A 140 9.13 9.00 20.45
N ALA A 141 10.40 8.67 20.32
CA ALA A 141 10.89 7.36 20.75
C ALA A 141 11.12 7.28 22.24
N PHE A 142 11.02 8.40 22.96
CA PHE A 142 11.17 8.39 24.40
C PHE A 142 9.84 8.02 25.06
N LYS A 143 9.92 7.32 26.18
CA LYS A 143 8.72 7.07 26.97
C LYS A 143 8.21 8.38 27.56
N LYS A 144 6.88 8.50 27.66
CA LYS A 144 6.31 9.73 28.20
C LYS A 144 6.83 10.00 29.61
N GLU A 145 7.16 8.94 30.35
CA GLU A 145 7.70 9.12 31.68
C GLU A 145 9.07 9.77 31.69
N ARG A 146 9.70 9.94 30.53
CA ARG A 146 11.01 10.58 30.43
C ARG A 146 10.94 11.94 29.78
N TYR A 147 9.75 12.42 29.42
CA TYR A 147 9.68 13.68 28.68
C TYR A 147 10.30 14.81 29.49
N LEU A 148 9.85 14.98 30.73
CA LEU A 148 10.38 16.05 31.58
C LEU A 148 11.87 15.84 31.85
N THR A 149 12.24 14.61 32.22
CA THR A 149 13.63 14.29 32.47
C THR A 149 14.52 14.69 31.31
N PHE A 150 14.05 14.46 30.08
CA PHE A 150 14.85 14.85 28.92
C PHE A 150 15.09 16.35 28.88
N PHE A 151 14.06 17.15 29.10
CA PHE A 151 14.24 18.59 29.08
C PHE A 151 15.11 19.05 30.25
N GLU A 152 14.97 18.42 31.41
CA GLU A 152 15.81 18.77 32.55
C GLU A 152 17.27 18.51 32.24
N ARG A 153 17.56 17.36 31.63
CA ARG A 153 18.94 17.03 31.27
C ARG A 153 19.45 17.99 30.22
N SER A 154 18.65 18.25 29.20
CA SER A 154 19.06 19.17 28.15
C SER A 154 19.36 20.55 28.71
N TYR A 155 18.49 21.03 29.59
CA TYR A 155 18.75 22.33 30.24
C TYR A 155 20.06 22.31 31.02
N ASP A 156 20.34 21.19 31.70
CA ASP A 156 21.50 21.13 32.59
C ASP A 156 22.81 21.19 31.82
N ILE A 157 22.87 20.57 30.64
CA ILE A 157 24.12 20.45 29.90
C ILE A 157 24.38 21.65 29.01
N LEU A 158 23.42 22.53 28.86
CA LEU A 158 23.58 23.74 28.06
C LEU A 158 24.12 24.89 28.92
N PRO A 159 24.86 25.82 28.31
CA PRO A 159 25.32 27.00 29.03
C PRO A 159 24.18 27.97 29.28
N ASP A 160 24.44 29.06 30.01
CA ASP A 160 23.37 29.98 30.37
C ASP A 160 22.66 30.54 29.16
N ASP A 161 23.35 30.71 28.03
CA ASP A 161 22.77 31.20 26.79
C ASP A 161 22.57 30.09 25.77
N GLY A 162 22.47 28.85 26.24
CA GLY A 162 22.30 27.73 25.33
C GLY A 162 20.97 27.74 24.61
N ARG A 163 20.92 26.97 23.53
CA ARG A 163 19.73 26.80 22.73
C ARG A 163 19.59 25.33 22.34
N MET A 164 18.34 24.89 22.27
CA MET A 164 17.98 23.56 21.76
C MET A 164 16.97 23.72 20.64
N LEU A 165 17.19 23.01 19.52
CA LEU A 165 16.20 22.94 18.45
C LEU A 165 15.66 21.53 18.50
N LEU A 166 14.42 21.40 18.93
CA LEU A 166 13.72 20.12 19.00
C LEU A 166 12.81 20.01 17.79
N HIS A 167 13.14 19.10 16.88
CA HIS A 167 12.29 18.77 15.74
C HIS A 167 11.60 17.47 16.12
N SER A 168 10.27 17.52 16.27
CA SER A 168 9.51 16.41 16.79
C SER A 168 8.17 16.29 16.12
N LEU A 169 7.74 15.04 15.93
CA LEU A 169 6.36 14.77 15.62
C LEU A 169 5.49 15.04 16.85
N PHE A 170 4.21 15.25 16.61
CA PHE A 170 3.25 15.29 17.71
C PHE A 170 1.86 15.04 17.15
N THR A 171 0.97 14.63 18.04
CA THR A 171 -0.38 14.23 17.68
C THR A 171 -1.40 15.21 18.24
N TYR A 172 -2.64 15.04 17.78
CA TYR A 172 -3.79 15.81 18.22
C TYR A 172 -4.86 14.84 18.73
N ASP A 173 -5.60 15.27 19.74
CA ASP A 173 -6.67 14.44 20.27
C ASP A 173 -7.99 14.69 19.53
N ARG A 174 -8.96 13.81 19.78
CA ARG A 174 -10.22 13.85 19.05
C ARG A 174 -10.87 15.23 19.14
N ARG A 175 -10.88 15.81 20.35
CA ARG A 175 -11.55 17.09 20.55
C ARG A 175 -10.93 18.16 19.68
N TRP A 176 -9.61 18.30 19.72
CA TRP A 176 -8.95 19.32 18.92
C TRP A 176 -9.18 19.07 17.43
N LEU A 177 -8.96 17.83 17.00
CA LEU A 177 -9.23 17.50 15.61
C LEU A 177 -10.64 17.90 15.22
N HIS A 178 -11.62 17.54 16.04
CA HIS A 178 -13.02 17.84 15.75
C HIS A 178 -13.22 19.33 15.59
N GLU A 179 -12.67 20.11 16.52
CA GLU A 179 -12.80 21.55 16.44
C GLU A 179 -12.21 22.09 15.15
N GLN A 180 -11.22 21.40 14.58
CA GLN A 180 -10.63 21.76 13.31
C GLN A 180 -11.32 21.10 12.11
N GLY A 181 -12.42 20.40 12.34
CA GLY A 181 -13.15 19.78 11.24
C GLY A 181 -12.63 18.44 10.80
N ILE A 182 -11.84 17.77 11.62
CA ILE A 182 -11.16 16.53 11.25
C ILE A 182 -11.64 15.44 12.19
N ALA A 183 -11.90 14.26 11.64
CA ALA A 183 -12.33 13.11 12.41
C ALA A 183 -11.37 11.95 12.22
N LEU A 184 -11.13 11.19 13.29
CA LEU A 184 -10.42 9.93 13.17
C LEU A 184 -11.38 8.82 12.76
N THR A 185 -11.04 8.13 11.67
CA THR A 185 -11.89 7.06 11.16
C THR A 185 -11.47 5.71 11.73
N MET A 186 -12.33 4.71 11.51
CA MET A 186 -11.97 3.35 11.89
C MET A 186 -10.66 2.94 11.22
N SER A 187 -10.47 3.34 9.96
CA SER A 187 -9.23 3.01 9.27
C SER A 187 -8.04 3.65 9.96
N ASP A 188 -8.20 4.88 10.47
CA ASP A 188 -7.10 5.52 11.19
C ASP A 188 -6.74 4.75 12.45
N LEU A 189 -7.76 4.24 13.17
CA LEU A 189 -7.46 3.45 14.36
C LEU A 189 -6.71 2.18 13.99
N ARG A 190 -7.12 1.53 12.89
CA ARG A 190 -6.40 0.35 12.41
C ARG A 190 -4.97 0.70 12.02
N PHE A 191 -4.77 1.88 11.42
CA PHE A 191 -3.43 2.28 11.02
C PHE A 191 -2.56 2.56 12.24
N LEU A 192 -3.12 3.20 13.26
CA LEU A 192 -2.40 3.39 14.51
C LEU A 192 -2.00 2.06 15.12
N LYS A 193 -2.92 1.09 15.12
CA LYS A 193 -2.59 -0.24 15.62
C LYS A 193 -1.46 -0.87 14.80
N PHE A 194 -1.48 -0.68 13.48
CA PHE A 194 -0.41 -1.18 12.64
C PHE A 194 0.91 -0.52 12.99
N LEU A 195 0.91 0.79 13.24
CA LEU A 195 2.14 1.48 13.60
C LEU A 195 2.71 0.93 14.91
N ARG A 196 1.85 0.74 15.91
CA ARG A 196 2.33 0.27 17.22
C ARG A 196 2.91 -1.13 17.12
N GLU A 197 2.28 -2.00 16.32
CA GLU A 197 2.70 -3.38 16.20
C GLU A 197 3.79 -3.59 15.15
N SER A 198 4.46 -2.52 14.74
CA SER A 198 5.47 -2.57 13.69
C SER A 198 6.75 -1.91 14.19
N ILE A 199 7.74 -1.85 13.30
CA ILE A 199 9.02 -1.23 13.60
C ILE A 199 8.95 0.25 13.25
N PHE A 200 7.71 0.78 13.02
CA PHE A 200 7.58 2.12 12.50
C PHE A 200 7.21 3.11 13.61
N PRO A 201 7.60 4.37 13.44
CA PRO A 201 7.21 5.40 14.42
C PRO A 201 5.79 5.88 14.21
N GLY A 202 5.28 6.56 15.24
CA GLY A 202 3.95 7.15 15.20
C GLY A 202 2.92 6.47 16.06
N GLY A 203 3.28 5.42 16.79
CA GLY A 203 2.31 4.69 17.58
C GLY A 203 1.96 5.38 18.88
N GLU A 204 2.95 5.99 19.54
CA GLU A 204 2.77 6.62 20.84
C GLU A 204 3.36 8.03 20.79
N LEU A 205 2.83 8.85 19.87
CA LEU A 205 3.37 10.18 19.71
C LEU A 205 3.00 11.07 20.89
N PRO A 206 3.87 12.02 21.23
CA PRO A 206 3.51 13.01 22.25
C PRO A 206 2.52 14.02 21.71
N SER A 207 1.81 14.66 22.63
CA SER A 207 1.00 15.82 22.29
C SER A 207 1.89 17.06 22.23
N GLU A 208 1.35 18.14 21.67
CA GLU A 208 2.08 19.40 21.76
C GLU A 208 2.32 19.81 23.20
N PRO A 209 1.33 19.74 24.09
CA PRO A 209 1.63 20.06 25.50
C PRO A 209 2.70 19.18 26.11
N ASP A 210 2.77 17.91 25.73
CA ASP A 210 3.84 17.03 26.22
C ASP A 210 5.19 17.67 25.92
N ILE A 211 5.32 18.33 24.77
CA ILE A 211 6.57 18.99 24.42
C ILE A 211 6.70 20.32 25.16
N VAL A 212 5.71 21.19 24.98
CA VAL A 212 5.83 22.57 25.43
C VAL A 212 5.79 22.66 26.95
N ASP A 213 4.82 22.00 27.58
CA ASP A 213 4.68 22.15 29.03
C ASP A 213 5.91 21.63 29.77
N ASN A 214 6.43 20.48 29.33
CA ASN A 214 7.59 19.90 30.00
C ASN A 214 8.84 20.71 29.73
N ALA A 215 9.00 21.21 28.51
CA ALA A 215 10.14 22.08 28.22
C ALA A 215 10.12 23.32 29.10
N GLN A 216 8.95 23.95 29.24
CA GLN A 216 8.84 25.16 30.04
C GLN A 216 9.05 24.87 31.51
N ALA A 217 8.58 23.71 31.97
CA ALA A 217 8.80 23.35 33.38
C ALA A 217 10.28 23.20 33.67
N ALA A 218 11.04 22.66 32.71
CA ALA A 218 12.47 22.53 32.86
C ALA A 218 13.21 23.86 32.79
N GLY A 219 12.54 24.91 32.34
CA GLY A 219 13.11 26.25 32.30
C GLY A 219 13.32 26.83 30.92
N PHE A 220 12.93 26.11 29.88
CA PHE A 220 13.12 26.62 28.53
C PHE A 220 12.02 27.61 28.15
N THR A 221 12.39 28.57 27.31
CA THR A 221 11.43 29.42 26.62
C THR A 221 11.25 28.90 25.21
N ILE A 222 9.99 28.81 24.77
CA ILE A 222 9.67 28.40 23.40
C ILE A 222 9.68 29.67 22.57
N GLU A 223 10.79 29.90 21.86
CA GLU A 223 10.98 31.14 21.12
C GLU A 223 10.26 31.11 19.79
N HIS A 224 10.10 29.93 19.20
CA HIS A 224 9.47 29.81 17.90
C HIS A 224 9.04 28.37 17.68
N VAL A 225 7.90 28.19 17.02
CA VAL A 225 7.44 26.88 16.58
C VAL A 225 7.16 26.96 15.08
N GLN A 226 7.85 26.13 14.30
CA GLN A 226 7.68 26.11 12.85
C GLN A 226 7.06 24.77 12.50
N LEU A 227 5.82 24.79 12.01
CA LEU A 227 5.15 23.55 11.60
C LEU A 227 5.59 23.15 10.21
N LEU A 228 5.71 21.83 9.99
CA LEU A 228 6.20 21.29 8.72
C LEU A 228 5.28 20.21 8.16
N GLN A 229 4.02 20.21 8.60
CA GLN A 229 3.06 19.15 8.28
C GLN A 229 3.07 18.75 6.80
N GLN A 230 2.89 19.72 5.90
CA GLN A 230 2.79 19.40 4.49
C GLN A 230 4.14 19.06 3.86
N HIS A 231 5.24 19.54 4.46
CA HIS A 231 6.54 19.07 4.03
C HIS A 231 6.71 17.58 4.31
N TYR A 232 6.09 17.08 5.39
CA TYR A 232 6.23 15.67 5.68
C TYR A 232 5.43 14.85 4.70
N ALA A 233 4.22 15.33 4.38
CA ALA A 233 3.44 14.65 3.36
C ALA A 233 4.27 14.48 2.09
N ARG A 234 4.92 15.58 1.65
CA ARG A 234 5.73 15.52 0.45
C ARG A 234 6.91 14.60 0.60
N THR A 235 7.56 14.63 1.78
CA THR A 235 8.71 13.76 2.00
C THR A 235 8.32 12.31 1.91
N LEU A 236 7.23 11.94 2.59
CA LEU A 236 6.76 10.57 2.61
C LEU A 236 6.36 10.12 1.21
N ASP A 237 5.71 11.00 0.44
CA ASP A 237 5.39 10.68 -0.96
C ASP A 237 6.67 10.34 -1.71
N ALA A 238 7.74 11.12 -1.50
CA ALA A 238 8.97 10.88 -2.24
C ALA A 238 9.61 9.56 -1.84
N TRP A 239 9.62 9.24 -0.55
CA TRP A 239 10.17 7.97 -0.11
C TRP A 239 9.39 6.82 -0.75
N ALA A 240 8.05 6.94 -0.77
CA ALA A 240 7.21 5.89 -1.33
C ALA A 240 7.47 5.72 -2.82
N ALA A 241 7.57 6.84 -3.52
CA ALA A 241 7.86 6.77 -4.95
C ALA A 241 9.21 6.13 -5.22
N ASN A 242 10.20 6.45 -4.41
CA ASN A 242 11.52 5.85 -4.58
C ASN A 242 11.48 4.35 -4.28
N LEU A 243 10.77 3.95 -3.23
CA LEU A 243 10.73 2.54 -2.86
C LEU A 243 10.02 1.73 -3.93
N GLN A 244 8.89 2.25 -4.43
CA GLN A 244 8.16 1.53 -5.47
C GLN A 244 9.01 1.40 -6.73
N ALA A 245 9.80 2.42 -7.03
CA ALA A 245 10.65 2.33 -8.21
C ALA A 245 11.76 1.30 -8.07
N ALA A 246 12.10 0.96 -6.83
CA ALA A 246 13.12 -0.04 -6.51
C ALA A 246 12.53 -1.27 -5.87
N ARG A 247 11.29 -1.59 -6.23
CA ARG A 247 10.54 -2.64 -5.53
C ARG A 247 11.28 -3.98 -5.60
N GLU A 248 11.75 -4.36 -6.78
CA GLU A 248 12.40 -5.66 -6.94
C GLU A 248 13.62 -5.76 -6.04
N ARG A 249 14.43 -4.70 -6.02
CA ARG A 249 15.64 -4.72 -5.21
C ARG A 249 15.30 -4.71 -3.72
N ALA A 250 14.21 -4.02 -3.35
CA ALA A 250 13.78 -4.00 -1.95
C ALA A 250 13.30 -5.36 -1.50
N ILE A 251 12.54 -6.05 -2.35
CA ILE A 251 12.10 -7.40 -2.04
C ILE A 251 13.30 -8.34 -1.91
N ALA A 252 14.29 -8.19 -2.78
CA ALA A 252 15.48 -9.01 -2.71
C ALA A 252 16.24 -8.78 -1.41
N VAL A 253 16.36 -7.52 -0.96
CA VAL A 253 17.10 -7.24 0.27
C VAL A 253 16.35 -7.74 1.48
N GLN A 254 15.02 -7.61 1.47
CA GLN A 254 14.20 -8.01 2.60
C GLN A 254 13.21 -9.03 2.13
N SER A 255 11.96 -8.65 1.89
CA SER A 255 10.93 -9.55 1.41
C SER A 255 9.75 -8.73 0.90
N GLU A 256 8.82 -9.40 0.21
CA GLU A 256 7.62 -8.70 -0.23
C GLU A 256 6.78 -8.21 0.96
N GLU A 257 6.70 -9.02 2.02
CA GLU A 257 5.97 -8.60 3.21
C GLU A 257 6.52 -7.28 3.74
N VAL A 258 7.84 -7.19 3.90
CA VAL A 258 8.46 -5.96 4.42
C VAL A 258 8.26 -4.82 3.45
N TYR A 259 8.48 -5.06 2.14
CA TYR A 259 8.24 -4.01 1.17
C TYR A 259 6.82 -3.45 1.30
N ASN A 260 5.81 -4.34 1.32
CA ASN A 260 4.43 -3.87 1.40
C ASN A 260 4.15 -3.16 2.71
N ASN A 261 4.77 -3.61 3.79
CA ASN A 261 4.61 -2.95 5.07
C ASN A 261 5.15 -1.53 5.03
N PHE A 262 6.34 -1.36 4.45
CA PHE A 262 6.90 -0.03 4.32
C PHE A 262 6.03 0.85 3.43
N MET A 263 5.54 0.32 2.31
CA MET A 263 4.69 1.13 1.45
C MET A 263 3.42 1.54 2.18
N HIS A 264 2.86 0.62 2.98
CA HIS A 264 1.69 0.97 3.77
C HIS A 264 2.02 2.09 4.74
N TYR A 265 3.17 2.01 5.42
CA TYR A 265 3.54 3.04 6.38
C TYR A 265 3.76 4.37 5.70
N LEU A 266 4.51 4.34 4.58
CA LEU A 266 4.88 5.60 3.93
C LEU A 266 3.66 6.30 3.36
N THR A 267 2.84 5.56 2.62
CA THR A 267 1.68 6.19 2.00
C THR A 267 0.59 6.50 3.02
N GLY A 268 0.43 5.64 4.04
CA GLY A 268 -0.56 5.88 5.07
C GLY A 268 -0.24 7.12 5.89
N CSO A 269 1.04 7.27 6.21
CA CSO A 269 1.49 8.43 6.95
CB CSO A 269 2.92 8.23 7.43
SG CSO A 269 2.93 7.23 8.96
C CSO A 269 1.36 9.68 6.10
O CSO A 269 0.90 10.71 6.58
OD CSO A 269 2.43 8.30 10.39
H CSO A 269 1.66 6.72 5.98
HA CSO A 269 0.94 8.55 7.76
HB2 CSO A 269 3.33 9.09 7.62
HB3 CSO A 269 3.43 7.76 6.75
HD CSO A 269 2.47 7.78 11.21
N ALA A 270 1.70 9.59 4.81
CA ALA A 270 1.59 10.74 3.93
C ALA A 270 0.15 11.25 3.87
N GLU A 271 -0.77 10.30 3.70
CA GLU A 271 -2.18 10.64 3.68
C GLU A 271 -2.59 11.36 4.95
N ARG A 272 -2.09 10.89 6.10
CA ARG A 272 -2.54 11.44 7.36
C ARG A 272 -1.90 12.78 7.70
N PHE A 273 -0.69 13.03 7.21
CA PHE A 273 -0.17 14.39 7.31
C PHE A 273 -1.00 15.35 6.45
N ARG A 274 -1.36 14.93 5.24
CA ARG A 274 -2.13 15.80 4.38
C ARG A 274 -3.48 16.13 5.01
N ARG A 275 -4.09 15.15 5.66
CA ARG A 275 -5.39 15.33 6.30
C ARG A 275 -5.30 16.13 7.58
N GLY A 276 -4.11 16.21 8.19
CA GLY A 276 -3.94 17.01 9.38
C GLY A 276 -4.08 16.27 10.68
N LEU A 277 -4.03 14.94 10.67
CA LEU A 277 -4.26 14.17 11.89
C LEU A 277 -3.11 14.29 12.87
N ILE A 278 -1.91 14.53 12.37
CA ILE A 278 -0.73 14.70 13.19
C ILE A 278 0.11 15.81 12.58
N ASN A 279 1.19 16.15 13.26
CA ASN A 279 2.02 17.25 12.80
C ASN A 279 3.47 16.95 13.14
N VAL A 280 4.33 17.84 12.66
CA VAL A 280 5.76 17.80 12.95
C VAL A 280 6.22 19.25 12.95
N ALA A 281 7.10 19.58 13.89
CA ALA A 281 7.48 20.99 14.03
C ALA A 281 8.88 21.07 14.61
N GLN A 282 9.49 22.22 14.38
CA GLN A 282 10.75 22.58 14.99
C GLN A 282 10.46 23.59 16.09
N PHE A 283 10.84 23.25 17.31
CA PHE A 283 10.64 24.11 18.46
C PHE A 283 11.99 24.71 18.83
N THR A 284 12.12 26.04 18.71
CA THR A 284 13.33 26.72 19.14
C THR A 284 13.22 27.01 20.63
N MET A 285 14.09 26.42 21.42
CA MET A 285 14.02 26.50 22.88
C MET A 285 15.26 27.20 23.41
N THR A 286 15.06 28.23 24.21
CA THR A 286 16.16 29.02 24.73
C THR A 286 16.12 29.02 26.25
N LYS A 287 17.24 29.41 26.85
CA LYS A 287 17.34 29.49 28.31
C LYS A 287 17.10 30.91 28.78
N ASP B 17 -20.44 4.82 -5.71
CA ASP B 17 -19.79 3.82 -6.58
C ASP B 17 -18.52 4.38 -7.18
N ILE B 18 -17.52 3.53 -7.37
CA ILE B 18 -16.27 3.96 -8.00
C ILE B 18 -16.52 4.14 -9.50
N SER B 19 -16.10 5.30 -10.03
CA SER B 19 -16.40 5.66 -11.40
C SER B 19 -15.59 4.81 -12.37
N ASP B 20 -16.18 4.55 -13.54
CA ASP B 20 -15.44 3.88 -14.61
C ASP B 20 -14.14 4.62 -14.93
N ASP B 21 -14.12 5.96 -14.79
CA ASP B 21 -12.92 6.71 -15.11
C ASP B 21 -11.76 6.31 -14.22
N PHE B 22 -12.04 5.82 -13.01
CA PHE B 22 -10.98 5.36 -12.13
C PHE B 22 -10.41 4.03 -12.62
N PHE B 23 -11.28 3.07 -12.91
CA PHE B 23 -10.80 1.79 -13.41
C PHE B 23 -10.06 1.95 -14.73
N ALA B 24 -10.49 2.90 -15.56
CA ALA B 24 -9.84 3.13 -16.85
C ALA B 24 -8.37 3.48 -16.68
N LEU B 25 -7.97 3.95 -15.50
CA LEU B 25 -6.59 4.36 -15.29
C LEU B 25 -5.65 3.17 -15.15
N PHE B 26 -6.15 1.98 -14.79
CA PHE B 26 -5.26 0.84 -14.60
C PHE B 26 -5.66 -0.42 -15.33
N LEU B 27 -6.85 -0.48 -15.93
CA LEU B 27 -7.23 -1.62 -16.74
C LEU B 27 -6.80 -1.41 -18.18
N ASP B 28 -6.73 -2.51 -18.93
CA ASP B 28 -6.39 -2.44 -20.35
C ASP B 28 -7.65 -2.15 -21.15
N PRO B 29 -7.52 -1.96 -22.47
CA PRO B 29 -8.69 -1.58 -23.26
C PRO B 29 -9.82 -2.59 -23.29
N THR B 30 -9.57 -3.86 -22.94
CA THR B 30 -10.67 -4.83 -22.88
C THR B 30 -11.58 -4.58 -21.68
N TRP B 31 -11.13 -3.76 -20.71
CA TRP B 31 -11.83 -3.54 -19.46
C TRP B 31 -11.96 -4.84 -18.64
N VAL B 32 -11.21 -5.87 -18.99
CA VAL B 32 -11.27 -7.11 -18.21
C VAL B 32 -10.61 -6.89 -16.85
N TYR B 33 -11.27 -7.36 -15.79
CA TYR B 33 -10.90 -7.07 -14.40
C TYR B 33 -10.80 -8.36 -13.63
N THR B 34 -10.20 -9.36 -14.29
CA THR B 34 -10.00 -10.69 -13.73
C THR B 34 -8.65 -11.22 -14.21
N CYS B 35 -8.22 -12.33 -13.62
CA CYS B 35 -6.90 -12.89 -13.89
C CYS B 35 -6.63 -13.01 -15.37
N ALA B 36 -5.52 -12.43 -15.81
CA ALA B 36 -5.09 -12.56 -17.21
C ALA B 36 -4.34 -13.88 -17.40
N TYR B 37 -3.99 -14.17 -18.66
CA TYR B 37 -3.27 -15.39 -19.01
C TYR B 37 -2.10 -15.02 -19.91
N PHE B 38 -0.90 -14.98 -19.32
CA PHE B 38 0.31 -14.65 -20.09
C PHE B 38 0.79 -15.91 -20.81
N GLU B 39 0.04 -16.27 -21.86
CA GLU B 39 0.35 -17.43 -22.67
C GLU B 39 1.77 -17.35 -23.21
N ARG B 40 2.19 -16.17 -23.65
CA ARG B 40 3.59 -15.87 -23.91
C ARG B 40 4.08 -14.91 -22.85
N ASP B 41 5.35 -15.05 -22.46
CA ASP B 41 5.88 -14.25 -21.36
C ASP B 41 5.88 -12.77 -21.70
N ASP B 42 6.04 -12.41 -22.98
CA ASP B 42 6.16 -11.03 -23.41
C ASP B 42 4.82 -10.41 -23.81
N MET B 43 3.71 -11.05 -23.46
CA MET B 43 2.40 -10.48 -23.78
C MET B 43 2.16 -9.20 -22.99
N THR B 44 1.51 -8.24 -23.64
CA THR B 44 0.99 -7.09 -22.95
C THR B 44 -0.21 -7.49 -22.11
N LEU B 45 -0.66 -6.58 -21.24
CA LEU B 45 -1.84 -6.89 -20.42
C LEU B 45 -3.06 -7.13 -21.31
N GLU B 46 -3.26 -6.30 -22.33
CA GLU B 46 -4.40 -6.50 -23.23
C GLU B 46 -4.30 -7.85 -23.92
N GLU B 47 -3.11 -8.21 -24.39
CA GLU B 47 -2.96 -9.49 -25.07
C GLU B 47 -3.21 -10.65 -24.11
N ALA B 48 -2.75 -10.51 -22.87
CA ALA B 48 -2.94 -11.57 -21.89
C ALA B 48 -4.41 -11.69 -21.47
N GLN B 49 -5.16 -10.59 -21.49
CA GLN B 49 -6.57 -10.66 -21.17
C GLN B 49 -7.33 -11.34 -22.28
N LEU B 50 -7.03 -11.00 -23.54
CA LEU B 50 -7.64 -11.70 -24.65
C LEU B 50 -7.25 -13.18 -24.63
N ALA B 51 -6.00 -13.47 -24.30
CA ALA B 51 -5.57 -14.86 -24.25
C ALA B 51 -6.35 -15.63 -23.20
N LYS B 52 -6.64 -14.99 -22.06
CA LYS B 52 -7.42 -15.62 -21.01
C LYS B 52 -8.85 -15.89 -21.48
N VAL B 53 -9.48 -14.92 -22.13
CA VAL B 53 -10.82 -15.13 -22.66
C VAL B 53 -10.81 -16.26 -23.69
N ASP B 54 -9.85 -16.22 -24.62
CA ASP B 54 -9.78 -17.25 -25.66
C ASP B 54 -9.49 -18.61 -25.04
N LEU B 55 -8.66 -18.66 -24.01
CA LEU B 55 -8.39 -19.91 -23.32
C LEU B 55 -9.68 -20.54 -22.82
N ALA B 56 -10.57 -19.74 -22.25
CA ALA B 56 -11.84 -20.27 -21.77
C ALA B 56 -12.76 -20.63 -22.93
N LEU B 57 -12.91 -19.73 -23.91
CA LEU B 57 -13.88 -19.96 -24.98
C LEU B 57 -13.48 -21.13 -25.85
N ASP B 58 -12.19 -21.32 -26.09
CA ASP B 58 -11.73 -22.46 -26.87
C ASP B 58 -12.18 -23.77 -26.22
N LYS B 59 -12.29 -23.79 -24.89
CA LYS B 59 -12.68 -25.01 -24.18
C LYS B 59 -14.17 -25.30 -24.31
N LEU B 60 -14.95 -24.37 -24.86
CA LEU B 60 -16.38 -24.53 -24.99
C LEU B 60 -16.78 -25.07 -26.36
N ASN B 61 -15.84 -25.21 -27.29
CA ASN B 61 -16.11 -25.80 -28.60
C ASN B 61 -17.26 -25.06 -29.31
N LEU B 62 -17.15 -23.75 -29.33
CA LEU B 62 -18.20 -22.92 -29.91
C LEU B 62 -18.23 -23.07 -31.42
N GLU B 63 -19.41 -23.20 -31.96
CA GLU B 63 -19.57 -23.09 -33.39
C GLU B 63 -20.35 -21.82 -33.72
N PRO B 64 -20.10 -21.18 -34.86
CA PRO B 64 -20.83 -19.98 -35.20
C PRO B 64 -22.34 -20.19 -35.06
N GLY B 65 -23.02 -19.18 -34.52
CA GLY B 65 -24.46 -19.25 -34.37
C GLY B 65 -24.94 -19.84 -33.07
N MET B 66 -24.06 -20.47 -32.30
CA MET B 66 -24.45 -20.86 -30.97
C MET B 66 -24.76 -19.63 -30.14
N THR B 67 -25.38 -19.84 -28.99
CA THR B 67 -25.65 -18.77 -28.03
C THR B 67 -24.85 -19.02 -26.77
N LEU B 68 -24.01 -18.05 -26.43
CA LEU B 68 -23.15 -18.10 -25.27
C LEU B 68 -23.68 -17.17 -24.20
N LEU B 69 -23.79 -17.68 -22.98
CA LEU B 69 -24.13 -16.86 -21.81
C LEU B 69 -22.87 -16.58 -21.02
N ASP B 70 -22.62 -15.30 -20.74
CA ASP B 70 -21.55 -14.89 -19.83
C ASP B 70 -22.20 -14.43 -18.54
N VAL B 71 -22.06 -15.23 -17.47
CA VAL B 71 -22.66 -14.90 -16.19
C VAL B 71 -21.72 -13.99 -15.42
N GLY B 72 -22.17 -12.77 -15.17
CA GLY B 72 -21.36 -11.78 -14.47
C GLY B 72 -20.35 -11.11 -15.39
N CYS B 73 -20.86 -10.41 -16.41
CA CYS B 73 -20.06 -10.06 -17.59
C CYS B 73 -19.21 -8.83 -17.43
N GLY B 74 -19.26 -8.17 -16.28
CA GLY B 74 -18.42 -6.98 -16.13
C GLY B 74 -18.66 -6.01 -17.25
N TRP B 75 -17.59 -5.34 -17.68
CA TRP B 75 -17.68 -4.31 -18.70
C TRP B 75 -17.69 -4.87 -20.12
N GLY B 76 -17.86 -6.18 -20.27
CA GLY B 76 -18.25 -6.73 -21.57
C GLY B 76 -17.15 -7.24 -22.45
N GLY B 77 -15.91 -7.30 -21.96
CA GLY B 77 -14.82 -7.69 -22.80
C GLY B 77 -14.98 -9.06 -23.41
N ALA B 78 -15.40 -10.04 -22.61
CA ALA B 78 -15.55 -11.39 -23.10
C ALA B 78 -16.73 -11.53 -24.06
N LEU B 79 -17.81 -10.78 -23.82
CA LEU B 79 -18.92 -10.76 -24.76
C LEU B 79 -18.47 -10.27 -26.13
N VAL B 80 -17.71 -9.18 -26.14
CA VAL B 80 -17.22 -8.62 -27.40
C VAL B 80 -16.32 -9.61 -28.12
N ARG B 81 -15.38 -10.20 -27.37
CA ARG B 81 -14.45 -11.16 -27.97
C ARG B 81 -15.20 -12.36 -28.54
N ALA B 82 -16.21 -12.86 -27.82
CA ALA B 82 -16.98 -14.00 -28.31
C ALA B 82 -17.65 -13.69 -29.64
N VAL B 83 -18.26 -12.51 -29.76
CA VAL B 83 -18.90 -12.16 -31.03
C VAL B 83 -17.85 -12.02 -32.14
N GLU B 84 -16.76 -11.31 -31.85
CA GLU B 84 -15.81 -10.93 -32.89
C GLU B 84 -15.01 -12.14 -33.39
N LYS B 85 -14.50 -12.96 -32.47
CA LYS B 85 -13.63 -14.05 -32.85
C LYS B 85 -14.38 -15.36 -33.10
N TYR B 86 -15.44 -15.62 -32.34
CA TYR B 86 -16.14 -16.89 -32.42
C TYR B 86 -17.48 -16.82 -33.13
N ASP B 87 -17.98 -15.62 -33.42
CA ASP B 87 -19.19 -15.46 -34.23
C ASP B 87 -20.39 -16.17 -33.61
N VAL B 88 -20.57 -15.96 -32.30
CA VAL B 88 -21.70 -16.52 -31.58
C VAL B 88 -22.62 -15.40 -31.15
N ASN B 89 -23.90 -15.73 -31.01
CA ASN B 89 -24.82 -14.87 -30.25
C ASN B 89 -24.40 -14.88 -28.79
N VAL B 90 -24.61 -13.75 -28.13
CA VAL B 90 -24.20 -13.63 -26.73
C VAL B 90 -25.28 -12.98 -25.88
N ILE B 91 -25.36 -13.44 -24.63
CA ILE B 91 -26.14 -12.82 -23.58
C ILE B 91 -25.22 -12.65 -22.38
N GLY B 92 -25.09 -11.42 -21.90
CA GLY B 92 -24.31 -11.12 -20.71
C GLY B 92 -25.24 -10.72 -19.57
N LEU B 93 -24.95 -11.26 -18.39
CA LEU B 93 -25.71 -10.95 -17.19
C LEU B 93 -24.81 -10.22 -16.22
N THR B 94 -25.33 -9.14 -15.63
CA THR B 94 -24.60 -8.42 -14.58
C THR B 94 -25.62 -7.80 -13.65
N LEU B 95 -25.19 -7.52 -12.43
CA LEU B 95 -25.99 -6.79 -11.47
C LEU B 95 -25.54 -5.35 -11.33
N SER B 96 -24.46 -4.96 -12.02
CA SER B 96 -23.90 -3.61 -11.92
C SER B 96 -24.38 -2.76 -13.07
N ARG B 97 -24.97 -1.61 -12.75
CA ARG B 97 -25.43 -0.69 -13.80
C ARG B 97 -24.27 -0.25 -14.68
N ASN B 98 -23.11 0.03 -14.09
CA ASN B 98 -21.99 0.51 -14.91
C ASN B 98 -21.47 -0.58 -15.84
N HIS B 99 -21.37 -1.82 -15.33
CA HIS B 99 -21.01 -2.93 -16.20
C HIS B 99 -22.02 -3.10 -17.32
N TYR B 100 -23.31 -3.03 -16.98
CA TYR B 100 -24.35 -3.19 -18.01
C TYR B 100 -24.22 -2.13 -19.10
N GLU B 101 -24.06 -0.85 -18.72
CA GLU B 101 -24.06 0.20 -19.71
C GLU B 101 -22.87 0.11 -20.66
N ARG B 102 -21.68 -0.21 -20.13
CA ARG B 102 -20.52 -0.35 -21.00
C ARG B 102 -20.62 -1.58 -21.89
N SER B 103 -21.08 -2.70 -21.34
CA SER B 103 -21.28 -3.89 -22.17
C SER B 103 -22.32 -3.64 -23.25
N LYS B 104 -23.41 -2.98 -22.89
CA LYS B 104 -24.45 -2.65 -23.87
C LYS B 104 -23.85 -1.82 -25.00
N ASP B 105 -23.11 -0.77 -24.65
CA ASP B 105 -22.59 0.12 -25.68
C ASP B 105 -21.57 -0.59 -26.55
N ARG B 106 -20.68 -1.37 -25.94
CA ARG B 106 -19.63 -2.02 -26.71
C ARG B 106 -20.21 -3.04 -27.66
N LEU B 107 -21.22 -3.79 -27.22
CA LEU B 107 -21.83 -4.78 -28.10
C LEU B 107 -22.52 -4.09 -29.29
N ALA B 108 -23.25 -3.00 -29.02
CA ALA B 108 -23.95 -2.31 -30.09
C ALA B 108 -22.97 -1.74 -31.10
N ALA B 109 -21.77 -1.33 -30.64
CA ALA B 109 -20.80 -0.74 -31.56
C ALA B 109 -20.16 -1.76 -32.49
N ILE B 110 -20.31 -3.07 -32.22
CA ILE B 110 -19.72 -4.07 -33.10
C ILE B 110 -20.36 -4.00 -34.47
N GLY B 111 -21.67 -3.75 -34.53
CA GLY B 111 -22.39 -3.85 -35.78
C GLY B 111 -22.55 -5.28 -36.24
N THR B 112 -22.75 -6.21 -35.31
CA THR B 112 -22.93 -7.61 -35.66
C THR B 112 -24.36 -7.91 -36.04
N GLN B 113 -24.53 -8.93 -36.89
CA GLN B 113 -25.84 -9.48 -37.18
C GLN B 113 -26.26 -10.53 -36.17
N ARG B 114 -25.33 -10.99 -35.32
CA ARG B 114 -25.71 -11.91 -34.25
C ARG B 114 -26.52 -11.15 -33.19
N ARG B 115 -27.26 -11.92 -32.41
CA ARG B 115 -27.89 -11.37 -31.21
C ARG B 115 -26.81 -11.17 -30.17
N ALA B 116 -26.73 -9.96 -29.64
CA ALA B 116 -25.67 -9.60 -28.70
C ALA B 116 -26.32 -8.68 -27.68
N GLU B 117 -26.54 -9.19 -26.46
CA GLU B 117 -27.26 -8.39 -25.49
C GLU B 117 -26.62 -8.49 -24.12
N ALA B 118 -26.54 -7.35 -23.46
CA ALA B 118 -26.24 -7.28 -22.05
C ALA B 118 -27.53 -7.09 -21.29
N ARG B 119 -27.59 -7.64 -20.08
CA ARG B 119 -28.78 -7.53 -19.26
C ARG B 119 -28.41 -7.25 -17.81
N LEU B 120 -29.15 -6.32 -17.21
CA LEU B 120 -29.11 -6.09 -15.76
C LEU B 120 -30.07 -7.09 -15.14
N GLN B 121 -29.53 -8.30 -14.91
CA GLN B 121 -30.33 -9.45 -14.48
C GLN B 121 -29.37 -10.46 -13.85
N GLY B 122 -29.81 -11.04 -12.74
CA GLY B 122 -29.04 -12.10 -12.13
C GLY B 122 -29.29 -13.45 -12.77
N TRP B 123 -28.30 -14.35 -12.62
CA TRP B 123 -28.48 -15.70 -13.15
C TRP B 123 -29.70 -16.38 -12.55
N GLU B 124 -30.04 -16.02 -11.31
CA GLU B 124 -31.20 -16.63 -10.64
C GLU B 124 -32.49 -16.39 -11.40
N GLU B 125 -32.57 -15.30 -12.17
CA GLU B 125 -33.77 -14.94 -12.90
C GLU B 125 -33.68 -15.29 -14.38
N PHE B 126 -32.56 -15.84 -14.83
CA PHE B 126 -32.35 -16.16 -16.24
C PHE B 126 -32.76 -17.61 -16.47
N GLU B 127 -33.68 -17.83 -17.42
CA GLU B 127 -34.22 -19.17 -17.64
C GLU B 127 -34.18 -19.61 -19.08
N GLU B 128 -33.51 -18.88 -19.96
CA GLU B 128 -33.54 -19.20 -21.39
C GLU B 128 -32.51 -20.26 -21.74
N ASN B 129 -32.86 -21.09 -22.73
CA ASN B 129 -31.90 -22.03 -23.27
C ASN B 129 -30.70 -21.29 -23.87
N VAL B 130 -29.50 -21.78 -23.53
CA VAL B 130 -28.25 -21.32 -24.11
C VAL B 130 -27.41 -22.56 -24.42
N ASP B 131 -26.49 -22.43 -25.37
CA ASP B 131 -25.69 -23.57 -25.79
C ASP B 131 -24.48 -23.82 -24.91
N ARG B 132 -23.87 -22.75 -24.39
CA ARG B 132 -22.65 -22.79 -23.61
C ARG B 132 -22.69 -21.65 -22.62
N ILE B 133 -22.01 -21.83 -21.48
CA ILE B 133 -21.93 -20.83 -20.44
C ILE B 133 -20.47 -20.58 -20.13
N VAL B 134 -20.13 -19.28 -19.94
CA VAL B 134 -18.82 -18.90 -19.43
C VAL B 134 -19.05 -17.96 -18.27
N SER B 135 -18.11 -17.95 -17.33
CA SER B 135 -18.20 -17.00 -16.22
C SER B 135 -16.80 -16.79 -15.67
N PHE B 136 -16.40 -15.52 -15.51
CA PHE B 136 -15.06 -15.19 -15.03
C PHE B 136 -15.17 -14.38 -13.73
N GLU B 137 -14.84 -15.03 -12.61
CA GLU B 137 -14.78 -14.44 -11.28
C GLU B 137 -16.06 -13.70 -10.90
N ALA B 138 -17.20 -14.33 -11.19
CA ALA B 138 -18.47 -13.94 -10.62
C ALA B 138 -18.96 -14.87 -9.54
N PHE B 139 -18.53 -16.13 -9.57
CA PHE B 139 -19.07 -17.13 -8.65
C PHE B 139 -18.82 -16.75 -7.19
N ASP B 140 -17.68 -16.13 -6.91
CA ASP B 140 -17.37 -15.75 -5.55
C ASP B 140 -18.27 -14.64 -5.03
N ALA B 141 -18.96 -13.92 -5.92
CA ALA B 141 -19.94 -12.92 -5.55
C ALA B 141 -21.33 -13.50 -5.28
N PHE B 142 -21.55 -14.77 -5.58
CA PHE B 142 -22.85 -15.36 -5.31
C PHE B 142 -22.98 -15.68 -3.83
N LYS B 143 -24.22 -15.73 -3.36
CA LYS B 143 -24.47 -16.17 -1.99
C LYS B 143 -24.11 -17.65 -1.86
N LYS B 144 -23.38 -18.02 -0.80
CA LYS B 144 -22.94 -19.40 -0.69
C LYS B 144 -24.12 -20.36 -0.61
N GLU B 145 -25.26 -19.90 -0.07
CA GLU B 145 -26.44 -20.75 -0.03
C GLU B 145 -27.01 -21.01 -1.43
N ARG B 146 -26.48 -20.33 -2.44
CA ARG B 146 -26.94 -20.49 -3.81
C ARG B 146 -25.93 -21.18 -4.71
N TYR B 147 -24.80 -21.64 -4.17
CA TYR B 147 -23.79 -22.29 -5.00
C TYR B 147 -24.38 -23.48 -5.76
N LEU B 148 -25.03 -24.40 -5.05
CA LEU B 148 -25.63 -25.55 -5.72
C LEU B 148 -26.70 -25.11 -6.70
N THR B 149 -27.59 -24.21 -6.26
CA THR B 149 -28.63 -23.68 -7.14
C THR B 149 -28.05 -23.15 -8.43
N PHE B 150 -26.91 -22.45 -8.36
CA PHE B 150 -26.30 -21.94 -9.59
C PHE B 150 -25.92 -23.07 -10.52
N PHE B 151 -25.29 -24.13 -9.99
CA PHE B 151 -24.92 -25.23 -10.87
C PHE B 151 -26.15 -25.95 -11.42
N GLU B 152 -27.22 -26.04 -10.62
CA GLU B 152 -28.43 -26.71 -11.10
C GLU B 152 -29.06 -25.91 -12.23
N ARG B 153 -29.16 -24.59 -12.07
CA ARG B 153 -29.69 -23.73 -13.12
C ARG B 153 -28.85 -23.83 -14.39
N SER B 154 -27.52 -23.76 -14.25
CA SER B 154 -26.64 -23.86 -15.39
C SER B 154 -26.81 -25.18 -16.11
N TYR B 155 -26.88 -26.26 -15.35
CA TYR B 155 -27.16 -27.57 -15.95
C TYR B 155 -28.49 -27.56 -16.70
N ASP B 156 -29.52 -26.99 -16.10
CA ASP B 156 -30.86 -27.07 -16.66
C ASP B 156 -31.01 -26.29 -17.96
N ILE B 157 -30.30 -25.17 -18.09
CA ILE B 157 -30.46 -24.36 -19.30
C ILE B 157 -29.52 -24.77 -20.42
N LEU B 158 -28.53 -25.60 -20.16
CA LEU B 158 -27.59 -26.10 -21.15
C LEU B 158 -28.19 -27.32 -21.88
N PRO B 159 -27.84 -27.52 -23.14
CA PRO B 159 -28.28 -28.74 -23.81
C PRO B 159 -27.62 -29.98 -23.22
N ASP B 160 -28.05 -31.14 -23.70
CA ASP B 160 -27.54 -32.37 -23.11
C ASP B 160 -26.03 -32.52 -23.31
N ASP B 161 -25.49 -31.95 -24.40
CA ASP B 161 -24.06 -31.94 -24.64
C ASP B 161 -23.43 -30.58 -24.36
N GLY B 162 -24.07 -29.78 -23.55
CA GLY B 162 -23.54 -28.46 -23.24
C GLY B 162 -22.31 -28.52 -22.36
N ARG B 163 -21.61 -27.38 -22.32
CA ARG B 163 -20.40 -27.23 -21.53
C ARG B 163 -20.42 -25.86 -20.87
N MET B 164 -19.83 -25.80 -19.67
CA MET B 164 -19.69 -24.52 -19.00
C MET B 164 -18.23 -24.40 -18.60
N LEU B 165 -17.65 -23.23 -18.83
CA LEU B 165 -16.30 -22.93 -18.37
C LEU B 165 -16.46 -21.97 -17.21
N LEU B 166 -16.16 -22.44 -16.00
CA LEU B 166 -16.24 -21.64 -14.79
C LEU B 166 -14.82 -21.21 -14.44
N HIS B 167 -14.52 -19.93 -14.60
CA HIS B 167 -13.26 -19.36 -14.18
C HIS B 167 -13.54 -18.70 -12.83
N SER B 168 -12.96 -19.27 -11.74
CA SER B 168 -13.32 -18.82 -10.41
C SER B 168 -12.10 -18.80 -9.49
N LEU B 169 -12.07 -17.76 -8.66
CA LEU B 169 -11.26 -17.78 -7.46
C LEU B 169 -11.72 -18.88 -6.52
N PHE B 170 -10.79 -19.32 -5.65
CA PHE B 170 -11.17 -20.18 -4.54
C PHE B 170 -10.09 -20.06 -3.48
N THR B 171 -10.46 -20.33 -2.25
CA THR B 171 -9.51 -20.33 -1.16
C THR B 171 -9.10 -21.76 -0.83
N TYR B 172 -7.93 -21.89 -0.24
CA TYR B 172 -7.51 -23.14 0.38
C TYR B 172 -7.87 -23.10 1.85
N ASP B 173 -8.29 -24.25 2.39
CA ASP B 173 -8.54 -24.34 3.82
C ASP B 173 -7.22 -24.44 4.57
N ARG B 174 -7.28 -24.05 5.85
CA ARG B 174 -6.06 -23.96 6.64
C ARG B 174 -5.46 -25.34 6.96
N ARG B 175 -6.27 -26.39 7.01
CA ARG B 175 -5.68 -27.70 7.23
C ARG B 175 -4.82 -28.10 6.05
N TRP B 176 -5.35 -27.96 4.83
CA TRP B 176 -4.54 -28.27 3.65
C TRP B 176 -3.32 -27.36 3.56
N LEU B 177 -3.50 -26.06 3.84
CA LEU B 177 -2.35 -25.17 3.83
C LEU B 177 -1.29 -25.66 4.80
N HIS B 178 -1.69 -26.05 6.01
CA HIS B 178 -0.70 -26.49 6.97
C HIS B 178 0.10 -27.65 6.42
N GLU B 179 -0.58 -28.58 5.71
CA GLU B 179 0.08 -29.73 5.13
C GLU B 179 1.00 -29.34 3.98
N GLN B 180 0.84 -28.14 3.43
CA GLN B 180 1.76 -27.61 2.44
C GLN B 180 2.83 -26.74 3.08
N GLY B 181 2.84 -26.63 4.40
CA GLY B 181 3.82 -25.82 5.06
C GLY B 181 3.46 -24.37 5.24
N ILE B 182 2.19 -24.01 5.11
CA ILE B 182 1.76 -22.61 5.12
C ILE B 182 0.78 -22.41 6.27
N ALA B 183 0.93 -21.30 6.99
CA ALA B 183 -0.02 -20.88 8.00
C ALA B 183 -0.41 -19.42 7.74
N LEU B 184 -1.65 -19.08 8.08
CA LEU B 184 -2.12 -17.70 7.96
C LEU B 184 -1.56 -16.90 9.14
N THR B 185 -1.03 -15.73 8.83
CA THR B 185 -0.51 -14.81 9.82
C THR B 185 -1.64 -13.91 10.31
N MET B 186 -1.35 -13.20 11.41
CA MET B 186 -2.31 -12.20 11.87
C MET B 186 -2.55 -11.14 10.79
N SER B 187 -1.50 -10.79 10.04
CA SER B 187 -1.66 -9.88 8.91
C SER B 187 -2.60 -10.46 7.87
N ASP B 188 -2.48 -11.77 7.60
CA ASP B 188 -3.37 -12.38 6.62
C ASP B 188 -4.82 -12.31 7.10
N LEU B 189 -5.07 -12.58 8.38
CA LEU B 189 -6.44 -12.51 8.90
C LEU B 189 -6.96 -11.08 8.86
N ARG B 190 -6.10 -10.10 9.12
CA ARG B 190 -6.51 -8.71 9.02
C ARG B 190 -6.83 -8.34 7.57
N PHE B 191 -6.10 -8.92 6.62
CA PHE B 191 -6.36 -8.64 5.22
C PHE B 191 -7.71 -9.19 4.80
N LEU B 192 -8.05 -10.40 5.28
CA LEU B 192 -9.37 -10.97 4.97
C LEU B 192 -10.47 -10.08 5.53
N LYS B 193 -10.28 -9.58 6.75
CA LYS B 193 -11.25 -8.66 7.34
C LYS B 193 -11.38 -7.42 6.47
N PHE B 194 -10.25 -6.84 6.07
CA PHE B 194 -10.25 -5.69 5.16
C PHE B 194 -11.07 -6.00 3.91
N LEU B 195 -10.81 -7.14 3.27
CA LEU B 195 -11.53 -7.47 2.03
C LEU B 195 -13.02 -7.62 2.30
N ARG B 196 -13.37 -8.31 3.38
CA ARG B 196 -14.78 -8.58 3.66
C ARG B 196 -15.54 -7.30 3.93
N GLU B 197 -14.94 -6.39 4.69
CA GLU B 197 -15.58 -5.15 5.09
C GLU B 197 -15.53 -4.08 4.00
N SER B 198 -14.74 -4.31 2.96
CA SER B 198 -14.50 -3.32 1.91
C SER B 198 -15.24 -3.69 0.63
N ILE B 199 -14.93 -2.97 -0.44
CA ILE B 199 -15.68 -3.08 -1.69
C ILE B 199 -15.03 -4.06 -2.66
N PHE B 200 -14.04 -4.79 -2.20
CA PHE B 200 -13.23 -5.66 -3.05
C PHE B 200 -13.60 -7.13 -2.85
N PRO B 201 -13.26 -7.98 -3.81
CA PRO B 201 -13.53 -9.41 -3.65
C PRO B 201 -12.44 -10.09 -2.84
N GLY B 202 -12.75 -11.30 -2.38
CA GLY B 202 -11.80 -12.15 -1.70
C GLY B 202 -12.06 -12.37 -0.23
N GLY B 203 -13.06 -11.70 0.34
CA GLY B 203 -13.32 -11.84 1.76
C GLY B 203 -13.96 -13.17 2.11
N GLU B 204 -14.95 -13.59 1.32
CA GLU B 204 -15.70 -14.81 1.59
C GLU B 204 -15.60 -15.79 0.43
N LEU B 205 -14.38 -16.14 0.03
CA LEU B 205 -14.22 -16.93 -1.18
C LEU B 205 -14.77 -18.34 -0.99
N PRO B 206 -15.27 -18.96 -2.04
CA PRO B 206 -15.61 -20.38 -1.96
C PRO B 206 -14.36 -21.22 -1.86
N SER B 207 -14.51 -22.39 -1.25
CA SER B 207 -13.48 -23.39 -1.30
C SER B 207 -13.55 -24.13 -2.63
N GLU B 208 -12.51 -24.90 -2.91
CA GLU B 208 -12.60 -25.72 -4.12
C GLU B 208 -13.76 -26.71 -4.03
N PRO B 209 -14.03 -27.37 -2.90
CA PRO B 209 -15.23 -28.23 -2.84
C PRO B 209 -16.52 -27.48 -3.07
N ASP B 210 -16.61 -26.20 -2.64
CA ASP B 210 -17.81 -25.44 -2.92
C ASP B 210 -18.08 -25.34 -4.41
N ILE B 211 -17.02 -25.36 -5.21
CA ILE B 211 -17.18 -25.40 -6.65
C ILE B 211 -17.43 -26.84 -7.11
N VAL B 212 -16.47 -27.73 -6.84
CA VAL B 212 -16.43 -29.04 -7.48
C VAL B 212 -17.57 -29.93 -6.98
N ASP B 213 -17.77 -30.00 -5.65
CA ASP B 213 -18.79 -30.91 -5.12
C ASP B 213 -20.19 -30.47 -5.54
N ASN B 214 -20.46 -29.17 -5.53
CA ASN B 214 -21.78 -28.69 -5.94
C ASN B 214 -21.98 -28.86 -7.45
N ALA B 215 -20.93 -28.64 -8.25
CA ALA B 215 -21.05 -28.87 -9.68
C ALA B 215 -21.33 -30.33 -9.97
N GLN B 216 -20.64 -31.24 -9.29
CA GLN B 216 -20.85 -32.67 -9.52
C GLN B 216 -22.22 -33.09 -9.02
N ALA B 217 -22.68 -32.53 -7.91
CA ALA B 217 -24.02 -32.84 -7.40
C ALA B 217 -25.09 -32.43 -8.38
N ALA B 218 -24.86 -31.36 -9.13
CA ALA B 218 -25.80 -30.90 -10.14
C ALA B 218 -25.73 -31.73 -11.42
N GLY B 219 -24.74 -32.61 -11.55
CA GLY B 219 -24.63 -33.47 -12.70
C GLY B 219 -23.45 -33.20 -13.61
N PHE B 220 -22.65 -32.17 -13.32
CA PHE B 220 -21.51 -31.87 -14.18
C PHE B 220 -20.34 -32.81 -13.89
N THR B 221 -19.56 -33.07 -14.92
CA THR B 221 -18.25 -33.69 -14.80
C THR B 221 -17.18 -32.60 -14.93
N ILE B 222 -16.13 -32.71 -14.12
CA ILE B 222 -15.02 -31.77 -14.21
C ILE B 222 -14.01 -32.36 -15.18
N GLU B 223 -14.06 -31.92 -16.45
CA GLU B 223 -13.21 -32.49 -17.48
C GLU B 223 -11.77 -32.02 -17.33
N HIS B 224 -11.57 -30.80 -16.83
CA HIS B 224 -10.23 -30.26 -16.71
C HIS B 224 -10.26 -29.11 -15.73
N VAL B 225 -9.18 -28.96 -14.97
CA VAL B 225 -8.95 -27.81 -14.11
C VAL B 225 -7.59 -27.22 -14.50
N GLN B 226 -7.56 -25.92 -14.80
CA GLN B 226 -6.33 -25.22 -15.12
C GLN B 226 -6.12 -24.12 -14.09
N LEU B 227 -5.07 -24.28 -13.28
CA LEU B 227 -4.74 -23.31 -12.24
C LEU B 227 -3.95 -22.14 -12.83
N LEU B 228 -4.22 -20.96 -12.33
CA LEU B 228 -3.62 -19.75 -12.90
C LEU B 228 -3.01 -18.86 -11.82
N GLN B 229 -2.64 -19.47 -10.69
CA GLN B 229 -2.21 -18.74 -9.51
C GLN B 229 -1.20 -17.64 -9.83
N GLN B 230 -0.11 -17.99 -10.50
CA GLN B 230 0.95 -17.02 -10.71
C GLN B 230 0.62 -16.03 -11.80
N HIS B 231 -0.30 -16.38 -12.71
CA HIS B 231 -0.81 -15.39 -13.65
C HIS B 231 -1.59 -14.30 -12.91
N TYR B 232 -2.29 -14.64 -11.84
CA TYR B 232 -3.01 -13.61 -11.10
C TYR B 232 -2.03 -12.72 -10.36
N ALA B 233 -0.99 -13.32 -9.78
CA ALA B 233 0.04 -12.49 -9.15
C ALA B 233 0.57 -11.47 -10.13
N ARG B 234 0.87 -11.91 -11.35
CA ARG B 234 1.41 -10.99 -12.36
C ARG B 234 0.37 -9.96 -12.79
N THR B 235 -0.89 -10.38 -12.96
CA THR B 235 -1.96 -9.47 -13.32
C THR B 235 -2.14 -8.39 -12.27
N LEU B 236 -2.19 -8.79 -11.01
CA LEU B 236 -2.36 -7.84 -9.92
C LEU B 236 -1.17 -6.89 -9.85
N ASP B 237 0.06 -7.42 -10.07
CA ASP B 237 1.23 -6.55 -10.14
C ASP B 237 1.07 -5.49 -11.24
N ALA B 238 0.55 -5.92 -12.40
CA ALA B 238 0.40 -4.98 -13.52
C ALA B 238 -0.62 -3.89 -13.20
N TRP B 239 -1.76 -4.27 -12.64
CA TRP B 239 -2.77 -3.29 -12.25
C TRP B 239 -2.21 -2.33 -11.21
N ALA B 240 -1.47 -2.85 -10.24
CA ALA B 240 -0.87 -1.99 -9.22
C ALA B 240 0.10 -0.99 -9.83
N ALA B 241 0.99 -1.47 -10.71
CA ALA B 241 1.92 -0.54 -11.35
C ALA B 241 1.20 0.48 -12.22
N ASN B 242 0.16 0.04 -12.94
CA ASN B 242 -0.60 0.99 -13.74
C ASN B 242 -1.25 2.05 -12.87
N LEU B 243 -1.81 1.65 -11.72
CA LEU B 243 -2.46 2.60 -10.83
C LEU B 243 -1.43 3.53 -10.20
N GLN B 244 -0.29 3.00 -9.76
CA GLN B 244 0.79 3.85 -9.25
C GLN B 244 1.20 4.87 -10.26
N ALA B 245 1.32 4.45 -11.52
CA ALA B 245 1.72 5.39 -12.57
C ALA B 245 0.67 6.45 -12.84
N ALA B 246 -0.57 6.23 -12.42
CA ALA B 246 -1.66 7.18 -12.60
C ALA B 246 -2.17 7.75 -11.29
N ARG B 247 -1.31 7.76 -10.29
CA ARG B 247 -1.74 8.15 -8.94
C ARG B 247 -2.42 9.52 -8.92
N GLU B 248 -1.79 10.51 -9.54
CA GLU B 248 -2.35 11.85 -9.45
C GLU B 248 -3.75 11.89 -10.06
N ARG B 249 -3.90 11.32 -11.26
CA ARG B 249 -5.23 11.27 -11.88
C ARG B 249 -6.20 10.48 -11.03
N ALA B 250 -5.74 9.35 -10.48
CA ALA B 250 -6.61 8.50 -9.66
C ALA B 250 -7.14 9.26 -8.47
N ILE B 251 -6.28 10.02 -7.80
CA ILE B 251 -6.71 10.80 -6.64
C ILE B 251 -7.69 11.90 -7.07
N ALA B 252 -7.45 12.53 -8.22
CA ALA B 252 -8.38 13.53 -8.72
C ALA B 252 -9.75 12.93 -9.07
N VAL B 253 -9.77 11.74 -9.68
CA VAL B 253 -11.03 11.11 -10.05
C VAL B 253 -11.78 10.65 -8.80
N GLN B 254 -11.07 10.12 -7.81
CA GLN B 254 -11.70 9.63 -6.59
C GLN B 254 -11.11 10.35 -5.44
N SER B 255 -10.22 9.72 -4.65
CA SER B 255 -9.57 10.37 -3.52
C SER B 255 -8.31 9.61 -3.17
N GLU B 256 -7.49 10.22 -2.31
CA GLU B 256 -6.30 9.54 -1.83
C GLU B 256 -6.65 8.29 -1.03
N GLU B 257 -7.70 8.36 -0.19
CA GLU B 257 -8.12 7.18 0.55
C GLU B 257 -8.45 6.03 -0.41
N VAL B 258 -9.21 6.31 -1.47
CA VAL B 258 -9.60 5.26 -2.42
C VAL B 258 -8.37 4.73 -3.15
N TYR B 259 -7.49 5.64 -3.59
CA TYR B 259 -6.26 5.20 -4.25
C TYR B 259 -5.50 4.23 -3.37
N ASN B 260 -5.27 4.59 -2.10
CA ASN B 260 -4.48 3.75 -1.21
C ASN B 260 -5.21 2.46 -0.89
N ASN B 261 -6.54 2.50 -0.83
CA ASN B 261 -7.29 1.30 -0.54
C ASN B 261 -7.20 0.33 -1.71
N PHE B 262 -7.31 0.84 -2.94
CA PHE B 262 -7.09 -0.03 -4.08
C PHE B 262 -5.68 -0.59 -4.08
N MET B 263 -4.69 0.25 -3.76
CA MET B 263 -3.30 -0.24 -3.77
C MET B 263 -3.13 -1.33 -2.73
N HIS B 264 -3.73 -1.18 -1.55
CA HIS B 264 -3.67 -2.24 -0.54
C HIS B 264 -4.28 -3.53 -1.06
N TYR B 265 -5.43 -3.43 -1.71
CA TYR B 265 -6.07 -4.61 -2.28
C TYR B 265 -5.17 -5.27 -3.32
N LEU B 266 -4.69 -4.48 -4.28
CA LEU B 266 -3.98 -5.09 -5.40
C LEU B 266 -2.67 -5.72 -4.93
N THR B 267 -1.89 -4.98 -4.12
CA THR B 267 -0.60 -5.51 -3.69
C THR B 267 -0.77 -6.62 -2.65
N GLY B 268 -1.76 -6.49 -1.77
CA GLY B 268 -2.05 -7.52 -0.80
C GLY B 268 -2.50 -8.83 -1.41
N CSO B 269 -3.32 -8.72 -2.44
CA CSO B 269 -3.77 -9.91 -3.15
CB CSO B 269 -4.91 -9.59 -4.10
SG CSO B 269 -6.48 -9.48 -3.19
C CSO B 269 -2.61 -10.56 -3.91
O CSO B 269 -2.44 -11.77 -3.90
OD CSO B 269 -7.13 -11.20 -2.88
H CSO B 269 -3.64 -7.98 -2.74
HA CSO B 269 -4.12 -10.56 -2.51
HB2 CSO B 269 -4.98 -10.28 -4.77
HB3 CSO B 269 -4.74 -8.73 -4.53
HD CSO B 269 -7.97 -11.16 -2.39
N ALA B 270 -1.80 -9.73 -4.58
CA ALA B 270 -0.66 -10.26 -5.30
C ALA B 270 0.28 -11.04 -4.41
N GLU B 271 0.57 -10.45 -3.25
CA GLU B 271 1.45 -11.10 -2.28
C GLU B 271 0.87 -12.44 -1.88
N ARG B 272 -0.46 -12.52 -1.73
CA ARG B 272 -1.05 -13.74 -1.21
C ARG B 272 -1.20 -14.80 -2.28
N PHE B 273 -1.34 -14.41 -3.55
CA PHE B 273 -1.23 -15.42 -4.62
C PHE B 273 0.19 -15.99 -4.66
N ARG B 274 1.21 -15.14 -4.51
CA ARG B 274 2.58 -15.66 -4.53
C ARG B 274 2.82 -16.59 -3.34
N ARG B 275 2.21 -16.26 -2.19
CA ARG B 275 2.33 -17.08 -0.99
CA ARG B 275 2.39 -17.11 -1.01
C ARG B 275 1.55 -18.38 -1.08
N GLY B 276 0.58 -18.45 -1.97
CA GLY B 276 -0.16 -19.68 -2.15
C GLY B 276 -1.38 -19.85 -1.27
N LEU B 277 -1.94 -18.77 -0.76
CA LEU B 277 -3.06 -18.86 0.17
C LEU B 277 -4.38 -19.10 -0.54
N ILE B 278 -4.47 -18.71 -1.79
CA ILE B 278 -5.67 -18.84 -2.58
C ILE B 278 -5.23 -19.21 -3.99
N ASN B 279 -6.22 -19.48 -4.84
CA ASN B 279 -5.93 -19.78 -6.23
C ASN B 279 -7.05 -19.27 -7.09
N VAL B 280 -6.87 -19.41 -8.39
CA VAL B 280 -7.89 -19.09 -9.39
C VAL B 280 -7.72 -20.14 -10.48
N ALA B 281 -8.84 -20.64 -11.00
CA ALA B 281 -8.77 -21.75 -11.94
C ALA B 281 -9.92 -21.65 -12.92
N GLN B 282 -9.71 -22.26 -14.09
CA GLN B 282 -10.75 -22.52 -15.07
C GLN B 282 -11.14 -23.98 -14.96
N PHE B 283 -12.42 -24.22 -14.65
CA PHE B 283 -12.98 -25.55 -14.53
C PHE B 283 -13.81 -25.78 -15.79
N THR B 284 -13.39 -26.75 -16.61
CA THR B 284 -14.19 -27.16 -17.76
C THR B 284 -15.20 -28.17 -17.28
N MET B 285 -16.48 -27.81 -17.35
CA MET B 285 -17.54 -28.66 -16.85
C MET B 285 -18.41 -29.16 -17.98
N THR B 286 -18.59 -30.47 -18.05
CA THR B 286 -19.33 -31.14 -19.13
C THR B 286 -20.46 -31.94 -18.51
N LYS B 287 -21.28 -32.54 -19.39
CA LYS B 287 -22.49 -33.21 -18.98
C LYS B 287 -22.50 -34.68 -19.42
N SFG C . 17.64 12.12 13.62
CA SFG C . 17.63 11.09 12.60
C SFG C . 17.23 11.71 11.22
O SFG C . 16.88 12.90 11.16
OXT SFG C . 17.31 10.94 10.21
CB SFG C . 16.61 10.00 12.87
CG SFG C . 16.14 9.93 14.31
CD SFG C . 15.48 8.56 14.58
NE SFG C . 14.08 8.61 14.14
C5' SFG C . 15.53 8.22 16.06
C4' SFG C . 16.99 8.12 16.62
O4' SFG C . 16.90 8.31 17.94
C3' SFG C . 17.61 6.72 16.45
O3' SFG C . 18.94 6.86 16.02
C2' SFG C . 17.49 6.09 17.86
O2' SFG C . 18.51 5.02 18.07
C1' SFG C . 17.75 7.18 18.62
N9 SFG C . 17.27 7.12 20.00
C8 SFG C . 16.13 6.59 20.47
N7 SFG C . 16.09 6.72 21.82
C5 SFG C . 17.22 7.40 22.15
C6 SFG C . 17.69 7.80 23.36
N6 SFG C . 17.16 7.67 24.69
N1 SFG C . 18.85 8.43 23.43
C2 SFG C . 19.59 8.66 22.29
N3 SFG C . 19.13 8.27 21.07
C4 SFG C . 17.95 7.64 21.04
HN1 SFG C . 18.16 11.85 14.28
HN2 SFG C . 17.92 12.87 13.27
HA SFG C . 18.52 10.72 12.59
HB1 SFG C . 17.01 9.16 12.63
HB2 SFG C . 15.84 10.17 12.31
HG1 SFG C . 16.90 10.04 14.91
HG2 SFG C . 15.50 10.64 14.48
HD SFG C . 15.96 7.88 14.09
HNE1 SFG C . 13.99 8.08 13.42
HNE2 SFG C . 13.56 8.33 14.79
H5'1 SFG C . 15.08 7.37 16.20
H5'2 SFG C . 15.06 8.92 16.54
H4' SFG C . 17.58 8.74 16.17
H3' SFG C . 17.12 6.18 15.81
H2' SFG C . 16.62 5.69 18.05
HO2' SFG C . 18.30 4.36 17.59
H1' SFG C . 18.71 7.30 18.63
H8 SFG C . 15.46 6.18 19.96
HN61 SFG C . 16.45 8.10 24.93
HN62 SFG C . 17.57 7.18 25.28
H2 SFG C . 20.41 9.10 22.35
C1 EDO D . 7.28 30.14 10.98
O1 EDO D . 8.50 29.46 10.65
C2 EDO D . 6.28 30.00 9.85
O2 EDO D . 6.12 28.61 9.52
H11 EDO D . 7.50 31.20 11.15
H12 EDO D . 6.87 29.73 11.90
HO1 EDO D . 9.23 29.83 11.15
H21 EDO D . 6.63 30.55 8.98
H22 EDO D . 5.32 30.42 10.16
HO2 EDO D . 5.48 28.54 8.78
C1 EDO E . 29.21 11.73 3.21
O1 EDO E . 29.11 11.18 4.53
C2 EDO E . 28.74 13.17 3.20
O2 EDO E . 27.34 13.17 3.39
H11 EDO E . 28.59 11.13 2.52
H12 EDO E . 30.24 11.67 2.86
HO1 EDO E . 29.39 10.26 4.53
H21 EDO E . 28.98 13.63 2.24
H22 EDO E . 29.24 13.73 3.99
HO2 EDO E . 27.02 14.08 3.40
C1 EDO F . 26.27 24.14 0.08
O1 EDO F . 26.22 24.67 1.41
C2 EDO F . 25.01 23.35 -0.23
O2 EDO F . 25.22 21.95 0.07
H11 EDO F . 27.15 23.50 -0.04
H12 EDO F . 26.37 24.96 -0.64
HO1 EDO F . 27.02 25.17 1.59
H21 EDO F . 24.75 23.45 -1.27
H22 EDO F . 24.18 23.73 0.37
HO2 EDO F . 24.42 21.45 -0.11
C1 EDO G . 2.24 27.01 18.31
O1 EDO G . 2.66 26.37 19.53
C2 EDO G . 2.38 26.05 17.14
O2 EDO G . 1.38 25.02 17.22
H11 EDO G . 2.84 27.90 18.14
H12 EDO G . 1.19 27.33 18.41
HO1 EDO G . 2.62 27.01 20.26
H21 EDO G . 3.38 25.61 17.16
H22 EDO G . 2.27 26.59 16.20
HO2 EDO G . 1.50 24.40 16.48
C1 EDO H . -0.38 26.80 15.68
O1 EDO H . -0.37 27.93 14.79
C2 EDO H . -1.76 26.15 15.68
O2 EDO H . -1.97 25.49 14.42
H11 EDO H . -0.11 27.12 16.69
H12 EDO H . 0.37 26.07 15.34
HO1 EDO H . 0.50 28.35 14.81
H21 EDO H . -2.53 26.91 15.83
H22 EDO H . -1.83 25.44 16.50
HO2 EDO H . -2.84 25.07 14.43
C1 EDO I . 32.63 -0.07 17.95
O1 EDO I . 33.20 1.24 17.81
C2 EDO I . 32.21 -0.28 19.40
O2 EDO I . 33.38 -0.43 20.22
H11 EDO I . 33.36 -0.83 17.66
H12 EDO I . 31.76 -0.17 17.29
HO1 EDO I . 33.44 1.39 16.88
H21 EDO I . 31.58 -1.18 19.47
H22 EDO I . 31.61 0.57 19.74
HO2 EDO I . 33.12 -0.61 21.13
S SO4 J . 14.89 13.73 -6.57
O1 SO4 J . 14.24 12.41 -6.48
O2 SO4 J . 14.20 14.68 -5.72
O3 SO4 J . 16.33 13.60 -6.16
O4 SO4 J . 14.84 14.18 -7.96
S SO4 K . 27.52 1.29 2.12
O1 SO4 K . 26.96 0.23 2.94
O2 SO4 K . 26.47 2.22 1.75
O3 SO4 K . 28.55 2.00 2.89
O4 SO4 K . 28.11 0.71 0.90
C1 EDO L . 7.03 7.97 -10.96
O1 EDO L . 7.30 8.32 -9.57
C2 EDO L . 5.54 8.11 -11.22
O2 EDO L . 5.30 8.37 -12.58
H11 EDO L . 7.35 6.94 -11.15
H12 EDO L . 7.59 8.64 -11.61
HO1 EDO L . 8.24 8.29 -9.41
H21 EDO L . 5.14 8.93 -10.61
H22 EDO L . 5.03 7.19 -10.92
HO2 EDO L . 4.35 8.47 -12.73
N SFG M . -16.43 -11.25 -15.73
CA SFG M . -15.89 -9.94 -15.49
C SFG M . -14.42 -9.89 -16.02
O SFG M . -13.81 -10.89 -16.33
OXT SFG M . -13.85 -8.71 -16.09
CB SFG M . -15.77 -9.54 -14.06
CG SFG M . -16.84 -10.21 -13.19
CD SFG M . -17.07 -9.42 -11.89
NE SFG M . -15.97 -9.72 -10.94
C5' SFG M . -18.37 -9.84 -11.20
C4' SFG M . -19.63 -9.62 -12.15
O4' SFG M . -20.57 -10.51 -11.73
C3' SFG M . -20.26 -8.23 -11.99
O3' SFG M . -20.55 -7.72 -13.33
C2' SFG M . -21.48 -8.47 -11.10
O2' SFG M . -22.51 -7.43 -11.28
C1' SFG M . -21.90 -9.67 -11.54
N9 SFG M . -22.75 -10.41 -10.65
C8 SFG M . -22.69 -10.51 -9.31
N7 SFG M . -23.65 -11.34 -8.89
C5 SFG M . -24.33 -11.75 -9.99
C6 SFG M . -25.41 -12.57 -10.12
N6 SFG M . -26.19 -13.27 -9.14
N1 SFG M . -25.89 -12.81 -11.31
C2 SFG M . -25.32 -12.25 -12.42
N3 SFG M . -24.25 -11.42 -12.32
C4 SFG M . -23.78 -11.19 -11.08
HN1 SFG M . -16.01 -11.82 -15.18
HN2 SFG M . -16.28 -11.47 -16.57
HA SFG M . -16.51 -9.35 -15.94
HB1 SFG M . -15.87 -8.58 -14.00
HB2 SFG M . -14.90 -9.80 -13.73
HG1 SFG M . -17.68 -10.25 -13.69
HG2 SFG M . -16.55 -11.11 -12.97
HD SFG M . -17.11 -8.48 -12.12
HNE1 SFG M . -16.22 -9.47 -10.13
HNE2 SFG M . -15.25 -9.27 -11.19
H5'1 SFG M . -18.31 -10.79 -10.98
H5'2 SFG M . -18.49 -9.33 -10.40
H4' SFG M . -19.41 -9.72 -13.09
H3' SFG M . -19.70 -7.59 -11.53
H2' SFG M . -21.24 -8.47 -10.16
HO2' SFG M . -22.28 -6.72 -10.87
H1' SFG M . -22.39 -9.50 -12.36
H8 SFG M . -22.07 -10.08 -8.76
HN61 SFG M . -27.00 -13.00 -8.97
HN62 SFG M . -25.89 -13.97 -8.75
H2 SFG M . -25.67 -12.45 -13.26
C1 EDO N . -24.56 -19.64 -38.51
O1 EDO N . -24.32 -18.74 -39.59
C2 EDO N . -26.05 -19.99 -38.48
O2 EDO N . -26.77 -18.78 -38.19
H11 EDO N . -24.25 -19.18 -37.56
H12 EDO N . -23.97 -20.56 -38.65
HO1 EDO N . -24.18 -17.85 -39.24
H21 EDO N . -26.24 -20.74 -37.72
H22 EDO N . -26.35 -20.39 -39.45
HO2 EDO N . -27.72 -18.96 -38.22
C1 EDO O . -7.93 -27.74 -3.08
O1 EDO O . -8.80 -26.87 -2.35
C2 EDO O . -7.16 -28.65 -2.13
O2 EDO O . -7.19 -28.08 -0.82
H11 EDO O . -7.23 -27.16 -3.67
H12 EDO O . -8.52 -28.36 -3.76
HO1 EDO O . -9.18 -26.22 -2.96
H21 EDO O . -6.13 -28.75 -2.47
H22 EDO O . -7.61 -29.64 -2.10
HO2 EDO O . -6.87 -28.74 -0.18
C1 EDO P . 1.39 -21.36 -18.93
O1 EDO P . 2.18 -20.30 -19.48
C2 EDO P . 1.51 -21.36 -17.42
O2 EDO P . 0.26 -21.73 -16.83
H11 EDO P . 1.73 -22.32 -19.33
H12 EDO P . 0.33 -21.24 -19.23
HO1 EDO P . 2.10 -20.29 -20.45
H21 EDO P . 1.79 -20.36 -17.08
H22 EDO P . 2.28 -22.06 -17.12
HO2 EDO P . 0.35 -21.74 -15.87
C1 EDO Q . -0.33 -5.96 8.99
O1 EDO Q . -0.59 -5.47 10.31
C2 EDO Q . -0.72 -4.87 8.02
O2 EDO Q . -2.07 -4.46 8.31
H11 EDO Q . -0.90 -6.87 8.81
H12 EDO Q . 0.73 -6.20 8.88
HO1 EDO Q . -1.54 -5.39 10.45
H21 EDO Q . -0.66 -5.25 7.00
H22 EDO Q . -0.04 -4.03 8.11
HO2 EDO Q . -2.33 -3.76 7.69
C1 EDO R . 1.85 -4.02 -21.23
O1 EDO R . 2.15 -4.36 -19.87
C2 EDO R . 1.57 -2.54 -21.35
O2 EDO R . 0.75 -2.33 -22.50
H11 EDO R . 0.99 -4.59 -21.56
H12 EDO R . 2.71 -4.30 -21.86
HO1 EDO R . 2.29 -5.31 -19.80
H21 EDO R . 2.51 -1.98 -21.45
H22 EDO R . 1.07 -2.18 -20.45
HO2 EDO R . 0.60 -1.38 -22.61
C1 EDO S . -15.66 5.88 -22.77
O1 EDO S . -14.35 5.44 -22.41
C2 EDO S . -16.21 6.78 -21.67
O2 EDO S . -15.82 6.30 -20.39
H11 EDO S . -16.31 5.02 -22.90
H12 EDO S . -15.63 6.42 -23.72
HO1 EDO S . -13.98 4.89 -23.11
H21 EDO S . -17.30 6.82 -21.73
H22 EDO S . -15.84 7.80 -21.81
HO2 EDO S . -16.15 6.89 -19.71
#